data_6TRN
#
_entry.id   6TRN
#
_cell.length_a   55.970
_cell.length_b   80.690
_cell.length_c   58.660
_cell.angle_alpha   90.000
_cell.angle_beta   115.130
_cell.angle_gamma   90.000
#
_symmetry.space_group_name_H-M   'P 1 21 1'
#
loop_
_entity.id
_entity.type
_entity.pdbx_description
1 polymer 'MHC class I antigen'
2 polymer Beta-2-microglobulin
3 polymer 'MAGE-A4 peptide (amino acids 230-239) variant'
4 non-polymer 1,2-ETHANEDIOL
5 water water
#
loop_
_entity_poly.entity_id
_entity_poly.type
_entity_poly.pdbx_seq_one_letter_code
_entity_poly.pdbx_strand_id
1 'polypeptide(L)'
;GSHSMRYFFTSVSRPGRGEPRFIAVGYVDDTQFVRFDSDAASQRMEPRAPWIEQEGPEYWDGETRKVKAHSQTHRVDLGT
LRGYYNQSEAGSHTVQRMYGCDVGSDWRFLRGYHQYAYDGKDYIALKEDLRSWTAADMAAQTTKHKWEAAHVAEQLRAYL
EGTCVEWLRRYLENGKETLQRTDAPKTHMTHHAVSDHEATLRCWALSFYPAEITLTWQRDGEDQTQDTELVETRPAGDGT
FQKWAAVVVPSGQEQRYTCHVQHEGLPKPLTLRWEP
;
A
2 'polypeptide(L)'
;MIQRTPKIQVYSRHPAENGKSNFLNCYVSGFHPSDIEVDLLKNGERIEKVEHSDLSFSKDWSFYLLYYTEFTPTEKDEYA
CRVNHVTLSQPKIVKWDRDM
;
B
3 'polypeptide(L)' AVYDGREHTV C
#
loop_
_chem_comp.id
_chem_comp.type
_chem_comp.name
_chem_comp.formula
EDO non-polymer 1,2-ETHANEDIOL 'C2 H6 O2'
#
# COMPACT_ATOMS: atom_id res chain seq x y z
N GLY A 1 19.42 -7.59 -5.23
CA GLY A 1 18.72 -7.47 -3.91
C GLY A 1 17.67 -8.55 -3.74
N SER A 2 17.04 -8.59 -2.57
CA SER A 2 15.92 -9.53 -2.26
C SER A 2 14.63 -9.14 -3.03
N HIS A 3 13.72 -10.10 -3.21
CA HIS A 3 12.44 -9.87 -3.93
C HIS A 3 11.30 -10.59 -3.23
N SER A 4 10.07 -10.15 -3.51
CA SER A 4 8.85 -10.75 -2.91
C SER A 4 7.75 -10.86 -3.96
N MET A 5 6.87 -11.84 -3.74
CA MET A 5 5.53 -11.95 -4.37
C MET A 5 4.48 -12.03 -3.26
N ARG A 6 3.49 -11.11 -3.30
CA ARG A 6 2.47 -11.00 -2.22
C ARG A 6 1.10 -10.83 -2.85
N TYR A 7 0.09 -11.56 -2.30
CA TYR A 7 -1.34 -11.41 -2.65
C TYR A 7 -2.12 -10.91 -1.42
N PHE A 8 -3.08 -10.02 -1.68
CA PHE A 8 -3.92 -9.34 -0.66
C PHE A 8 -5.39 -9.53 -1.09
N PHE A 9 -6.22 -10.09 -0.17
CA PHE A 9 -7.66 -10.38 -0.43
C PHE A 9 -8.49 -9.71 0.67
N THR A 10 -9.51 -8.96 0.27
CA THR A 10 -10.48 -8.31 1.20
C THR A 10 -11.91 -8.72 0.81
N SER A 11 -12.72 -9.19 1.79
CA SER A 11 -14.18 -9.38 1.61
C SER A 11 -14.93 -8.54 2.66
N VAL A 12 -16.01 -7.90 2.22
CA VAL A 12 -16.88 -7.06 3.10
C VAL A 12 -18.34 -7.53 2.92
N SER A 13 -18.97 -8.01 3.99
CA SER A 13 -20.35 -8.57 3.90
C SER A 13 -21.33 -7.43 3.59
N ARG A 14 -22.41 -7.77 2.88
CA ARG A 14 -23.52 -6.86 2.46
C ARG A 14 -24.83 -7.42 3.02
N PRO A 15 -25.10 -7.21 4.32
CA PRO A 15 -26.24 -7.87 4.98
C PRO A 15 -27.62 -7.54 4.41
N GLY A 16 -27.79 -6.41 3.76
CA GLY A 16 -29.09 -6.00 3.18
C GLY A 16 -29.49 -6.80 1.95
N ARG A 17 -28.52 -7.19 1.13
CA ARG A 17 -28.79 -7.93 -0.13
C ARG A 17 -27.50 -8.49 -0.73
N GLY A 18 -27.48 -9.78 -1.11
CA GLY A 18 -26.43 -10.30 -2.01
C GLY A 18 -25.16 -10.77 -1.32
N GLU A 19 -24.14 -11.04 -2.15
CA GLU A 19 -22.85 -11.63 -1.74
C GLU A 19 -21.87 -10.54 -1.30
N PRO A 20 -20.82 -10.88 -0.53
CA PRO A 20 -19.84 -9.88 -0.09
C PRO A 20 -19.11 -9.19 -1.27
N ARG A 21 -18.74 -7.93 -1.08
CA ARG A 21 -17.74 -7.25 -1.97
C ARG A 21 -16.39 -7.96 -1.81
N PHE A 22 -15.74 -8.34 -2.92
CA PHE A 22 -14.44 -9.07 -2.88
C PHE A 22 -13.44 -8.38 -3.82
N ILE A 23 -12.27 -8.02 -3.27
CA ILE A 23 -11.15 -7.35 -4.04
C ILE A 23 -9.84 -8.10 -3.75
N ALA A 24 -9.19 -8.55 -4.83
CA ALA A 24 -7.88 -9.23 -4.78
C ALA A 24 -6.87 -8.41 -5.57
N VAL A 25 -5.66 -8.26 -5.02
CA VAL A 25 -4.50 -7.64 -5.76
C VAL A 25 -3.27 -8.50 -5.55
N GLY A 26 -2.43 -8.55 -6.59
CA GLY A 26 -1.10 -9.19 -6.52
C GLY A 26 0.04 -8.22 -6.82
N TYR A 27 1.13 -8.35 -6.07
CA TYR A 27 2.37 -7.54 -6.20
C TYR A 27 3.60 -8.43 -6.37
N VAL A 28 4.54 -7.95 -7.22
CA VAL A 28 5.99 -8.34 -7.17
C VAL A 28 6.74 -7.11 -6.65
N ASP A 29 7.42 -7.24 -5.50
CA ASP A 29 8.05 -6.07 -4.83
C ASP A 29 7.01 -4.96 -4.67
N ASP A 30 7.22 -3.72 -5.11
CA ASP A 30 6.27 -2.59 -4.97
C ASP A 30 5.46 -2.37 -6.27
N THR A 31 5.36 -3.37 -7.14
CA THR A 31 4.66 -3.29 -8.45
C THR A 31 3.39 -4.17 -8.41
N GLN A 32 2.22 -3.56 -8.53
CA GLN A 32 0.96 -4.32 -8.72
C GLN A 32 0.93 -4.92 -10.13
N PHE A 33 0.55 -6.19 -10.28
CA PHE A 33 0.50 -6.85 -11.61
C PHE A 33 -0.83 -7.54 -11.96
N VAL A 34 -1.74 -7.80 -11.00
CA VAL A 34 -3.09 -8.37 -11.29
C VAL A 34 -4.12 -7.79 -10.31
N ARG A 35 -5.40 -7.90 -10.71
CA ARG A 35 -6.53 -7.56 -9.81
C ARG A 35 -7.73 -8.47 -10.13
N PHE A 36 -8.60 -8.63 -9.15
CA PHE A 36 -9.99 -9.11 -9.33
C PHE A 36 -10.91 -8.23 -8.48
N ASP A 37 -12.03 -7.81 -9.05
CA ASP A 37 -13.04 -7.00 -8.31
C ASP A 37 -14.42 -7.62 -8.60
N SER A 38 -15.12 -8.11 -7.57
CA SER A 38 -16.46 -8.75 -7.69
C SER A 38 -17.47 -7.80 -8.36
N ASP A 39 -17.28 -6.46 -8.25
CA ASP A 39 -18.25 -5.47 -8.79
C ASP A 39 -17.98 -5.20 -10.28
N ALA A 40 -16.86 -5.69 -10.86
CA ALA A 40 -16.54 -5.45 -12.30
C ALA A 40 -17.31 -6.44 -13.20
N ALA A 41 -17.67 -6.04 -14.42
CA ALA A 41 -18.45 -6.85 -15.38
C ALA A 41 -17.66 -8.05 -15.91
N SER A 42 -16.31 -7.97 -16.05
CA SER A 42 -15.53 -9.08 -16.67
C SER A 42 -15.68 -10.40 -15.90
N GLN A 43 -15.71 -10.36 -14.56
CA GLN A 43 -15.64 -11.57 -13.69
C GLN A 43 -14.38 -12.37 -14.07
N ARG A 44 -13.28 -11.66 -14.36
CA ARG A 44 -11.96 -12.29 -14.70
C ARG A 44 -10.85 -11.70 -13.82
N MET A 45 -9.83 -12.48 -13.50
CA MET A 45 -8.53 -11.90 -13.09
C MET A 45 -8.01 -11.06 -14.28
N GLU A 46 -7.59 -9.81 -14.00
CA GLU A 46 -7.19 -8.81 -15.04
C GLU A 46 -5.72 -8.39 -14.88
N PRO A 47 -4.98 -8.15 -16.00
CA PRO A 47 -3.61 -7.63 -15.93
C PRO A 47 -3.51 -6.16 -15.48
N ARG A 48 -2.44 -5.82 -14.73
CA ARG A 48 -2.19 -4.42 -14.26
C ARG A 48 -0.70 -4.03 -14.49
N ALA A 49 0.09 -4.88 -15.17
CA ALA A 49 1.47 -4.57 -15.58
C ALA A 49 1.71 -5.16 -16.99
N PRO A 50 2.50 -4.50 -17.86
CA PRO A 50 2.66 -4.98 -19.24
C PRO A 50 3.28 -6.40 -19.34
N TRP A 51 4.18 -6.75 -18.41
CA TRP A 51 4.97 -8.01 -18.48
C TRP A 51 4.12 -9.26 -18.14
N ILE A 52 2.94 -9.11 -17.54
CA ILE A 52 2.02 -10.27 -17.28
C ILE A 52 1.11 -10.51 -18.50
N GLU A 53 0.98 -9.55 -19.42
CA GLU A 53 0.00 -9.67 -20.56
C GLU A 53 0.35 -10.83 -21.48
N GLN A 54 1.63 -11.23 -21.57
CA GLN A 54 2.10 -12.35 -22.45
C GLN A 54 1.60 -13.71 -21.95
N GLU A 55 1.13 -13.83 -20.72
CA GLU A 55 0.60 -15.14 -20.23
C GLU A 55 -0.60 -15.53 -21.12
N GLY A 56 -0.68 -16.81 -21.49
CA GLY A 56 -1.69 -17.34 -22.40
C GLY A 56 -3.04 -17.58 -21.73
N PRO A 57 -4.05 -18.01 -22.52
CA PRO A 57 -5.41 -18.18 -22.03
C PRO A 57 -5.52 -19.14 -20.84
N GLU A 58 -4.70 -20.18 -20.80
CA GLU A 58 -4.70 -21.19 -19.70
C GLU A 58 -4.36 -20.50 -18.36
N TYR A 59 -3.50 -19.49 -18.38
CA TYR A 59 -3.10 -18.72 -17.17
C TYR A 59 -4.33 -17.97 -16.65
N TRP A 60 -4.97 -17.21 -17.52
CA TRP A 60 -6.10 -16.32 -17.13
C TRP A 60 -7.29 -17.19 -16.69
N ASP A 61 -7.55 -18.32 -17.37
CA ASP A 61 -8.64 -19.26 -16.96
C ASP A 61 -8.36 -19.81 -15.55
N GLY A 62 -7.14 -20.29 -15.28
CA GLY A 62 -6.79 -20.90 -13.99
C GLY A 62 -6.81 -19.89 -12.86
N GLU A 63 -6.22 -18.70 -13.06
CA GLU A 63 -6.20 -17.65 -12.01
C GLU A 63 -7.63 -17.17 -11.70
N THR A 64 -8.47 -17.04 -12.73
CA THR A 64 -9.88 -16.64 -12.52
C THR A 64 -10.59 -17.70 -11.66
N ARG A 65 -10.44 -18.98 -12.00
CA ARG A 65 -11.12 -20.08 -11.25
C ARG A 65 -10.66 -20.04 -9.78
N LYS A 66 -9.36 -19.89 -9.52
CA LYS A 66 -8.79 -19.99 -8.15
CA LYS A 66 -8.78 -19.98 -8.16
C LYS A 66 -9.19 -18.75 -7.33
N VAL A 67 -9.17 -17.56 -7.94
CA VAL A 67 -9.50 -16.32 -7.18
C VAL A 67 -11.01 -16.36 -6.82
N LYS A 68 -11.86 -16.85 -7.72
CA LYS A 68 -13.30 -17.04 -7.38
C LYS A 68 -13.44 -18.02 -6.21
N ALA A 69 -12.71 -19.13 -6.22
CA ALA A 69 -12.72 -20.10 -5.11
C ALA A 69 -12.30 -19.40 -3.80
N HIS A 70 -11.28 -18.55 -3.83
CA HIS A 70 -10.87 -17.77 -2.62
C HIS A 70 -12.08 -16.96 -2.10
N SER A 71 -12.82 -16.31 -3.02
CA SER A 71 -13.99 -15.47 -2.63
C SER A 71 -15.08 -16.32 -1.95
N GLN A 72 -15.24 -17.56 -2.37
CA GLN A 72 -16.27 -18.45 -1.74
C GLN A 72 -15.79 -18.89 -0.35
N THR A 73 -14.48 -19.12 -0.17
CA THR A 73 -13.91 -19.42 1.18
C THR A 73 -14.22 -18.26 2.14
N HIS A 74 -13.97 -17.01 1.72
CA HIS A 74 -14.26 -15.80 2.52
C HIS A 74 -15.77 -15.72 2.85
N ARG A 75 -16.65 -15.98 1.86
CA ARG A 75 -18.11 -15.87 2.08
C ARG A 75 -18.52 -16.84 3.21
N VAL A 76 -18.07 -18.09 3.13
CA VAL A 76 -18.40 -19.10 4.18
C VAL A 76 -17.82 -18.61 5.51
N ASP A 77 -16.57 -18.14 5.52
CA ASP A 77 -15.92 -17.70 6.78
C ASP A 77 -16.69 -16.55 7.44
N LEU A 78 -17.18 -15.57 6.69
CA LEU A 78 -17.93 -14.43 7.27
C LEU A 78 -19.18 -14.96 8.02
N GLY A 79 -19.86 -15.99 7.50
CA GLY A 79 -21.02 -16.61 8.20
C GLY A 79 -20.56 -17.36 9.46
N THR A 80 -19.48 -18.13 9.36
CA THR A 80 -18.95 -18.91 10.50
C THR A 80 -18.55 -17.97 11.64
N LEU A 81 -17.80 -16.91 11.29
CA LEU A 81 -17.21 -15.99 12.31
C LEU A 81 -18.34 -15.22 13.01
N ARG A 82 -19.39 -14.80 12.30
CA ARG A 82 -20.58 -14.15 12.92
C ARG A 82 -21.09 -15.06 14.05
N GLY A 83 -21.14 -16.38 13.82
CA GLY A 83 -21.57 -17.39 14.83
C GLY A 83 -20.58 -17.53 15.98
N TYR A 84 -19.28 -17.68 15.68
CA TYR A 84 -18.22 -17.85 16.73
C TYR A 84 -18.27 -16.68 17.71
N TYR A 85 -18.54 -15.46 17.23
CA TYR A 85 -18.51 -14.20 18.04
C TYR A 85 -19.92 -13.76 18.49
N ASN A 86 -20.95 -14.56 18.20
CA ASN A 86 -22.35 -14.32 18.65
CA ASN A 86 -22.36 -14.32 18.64
C ASN A 86 -22.84 -12.94 18.15
N GLN A 87 -22.57 -12.60 16.89
CA GLN A 87 -22.96 -11.29 16.31
C GLN A 87 -24.27 -11.41 15.54
N SER A 88 -24.98 -10.30 15.38
CA SER A 88 -26.30 -10.25 14.69
C SER A 88 -26.06 -10.29 13.18
N GLU A 89 -27.12 -10.54 12.41
CA GLU A 89 -27.07 -10.66 10.93
C GLU A 89 -27.17 -9.26 10.30
N ALA A 90 -27.30 -8.20 11.11
CA ALA A 90 -27.58 -6.81 10.67
C ALA A 90 -26.30 -6.07 10.24
N GLY A 91 -25.16 -6.34 10.87
CA GLY A 91 -23.92 -5.56 10.65
C GLY A 91 -23.09 -6.04 9.48
N SER A 92 -22.32 -5.13 8.87
CA SER A 92 -21.28 -5.49 7.87
C SER A 92 -19.98 -5.81 8.61
N HIS A 93 -19.28 -6.87 8.16
CA HIS A 93 -18.00 -7.33 8.74
C HIS A 93 -16.98 -7.59 7.62
N THR A 94 -15.72 -7.71 8.02
CA THR A 94 -14.57 -7.75 7.06
C THR A 94 -13.68 -8.95 7.36
N VAL A 95 -13.25 -9.68 6.33
CA VAL A 95 -12.09 -10.61 6.43
C VAL A 95 -10.99 -10.10 5.48
N GLN A 96 -9.73 -10.22 5.94
CA GLN A 96 -8.52 -9.86 5.15
C GLN A 96 -7.53 -11.04 5.23
N ARG A 97 -6.95 -11.38 4.08
CA ARG A 97 -5.95 -12.47 3.94
C ARG A 97 -4.74 -11.94 3.17
N MET A 98 -3.53 -12.23 3.64
CA MET A 98 -2.28 -11.90 2.89
C MET A 98 -1.40 -13.16 2.92
N TYR A 99 -0.77 -13.52 1.78
CA TYR A 99 0.24 -14.60 1.76
C TYR A 99 1.30 -14.27 0.69
N GLY A 100 2.42 -14.99 0.77
CA GLY A 100 3.44 -14.88 -0.27
C GLY A 100 4.78 -15.40 0.18
N CYS A 101 5.79 -15.12 -0.66
CA CYS A 101 7.18 -15.63 -0.48
C CYS A 101 8.20 -14.53 -0.76
N ASP A 102 9.30 -14.57 -0.01
CA ASP A 102 10.53 -13.76 -0.24
C ASP A 102 11.64 -14.68 -0.78
N VAL A 103 12.45 -14.16 -1.70
CA VAL A 103 13.74 -14.78 -2.13
C VAL A 103 14.88 -13.80 -1.82
N GLY A 104 16.08 -14.35 -1.61
CA GLY A 104 17.30 -13.54 -1.48
C GLY A 104 17.81 -13.02 -2.82
N SER A 105 18.97 -12.38 -2.79
CA SER A 105 19.68 -11.85 -3.99
CA SER A 105 19.59 -11.84 -4.03
C SER A 105 20.00 -13.01 -4.95
N ASP A 106 20.16 -14.21 -4.41
CA ASP A 106 20.41 -15.47 -5.17
C ASP A 106 19.14 -16.04 -5.82
N TRP A 107 17.97 -15.41 -5.62
CA TRP A 107 16.64 -15.83 -6.15
C TRP A 107 16.22 -17.20 -5.57
N ARG A 108 16.73 -17.57 -4.40
CA ARG A 108 16.33 -18.83 -3.71
C ARG A 108 15.51 -18.50 -2.45
N PHE A 109 14.62 -19.43 -2.09
CA PHE A 109 13.64 -19.23 -1.00
C PHE A 109 14.29 -18.71 0.27
N LEU A 110 13.74 -17.62 0.83
CA LEU A 110 14.21 -17.01 2.09
C LEU A 110 13.14 -17.21 3.18
N ARG A 111 11.86 -16.85 2.95
CA ARG A 111 10.79 -17.01 3.97
C ARG A 111 9.43 -16.94 3.28
N GLY A 112 8.42 -17.49 3.97
CA GLY A 112 7.03 -17.44 3.52
C GLY A 112 6.12 -16.94 4.62
N TYR A 113 4.88 -16.56 4.27
CA TYR A 113 3.94 -16.00 5.27
C TYR A 113 2.51 -16.24 4.79
N HIS A 114 1.61 -16.40 5.78
CA HIS A 114 0.14 -16.57 5.53
C HIS A 114 -0.59 -16.03 6.77
N GLN A 115 -1.38 -14.96 6.62
CA GLN A 115 -1.98 -14.22 7.77
C GLN A 115 -3.44 -13.91 7.44
N TYR A 116 -4.33 -14.02 8.46
CA TYR A 116 -5.80 -13.77 8.34
C TYR A 116 -6.27 -12.88 9.49
N ALA A 117 -7.16 -11.92 9.18
CA ALA A 117 -7.76 -10.97 10.14
C ALA A 117 -9.30 -10.92 10.00
N TYR A 118 -9.99 -10.75 11.13
CA TYR A 118 -11.45 -10.49 11.16
C TYR A 118 -11.68 -9.11 11.78
N ASP A 119 -12.43 -8.25 11.10
CA ASP A 119 -12.76 -6.87 11.55
C ASP A 119 -11.45 -6.12 11.91
N GLY A 120 -10.38 -6.35 11.13
CA GLY A 120 -9.13 -5.55 11.24
C GLY A 120 -8.21 -5.96 12.38
N LYS A 121 -8.48 -7.09 13.04
CA LYS A 121 -7.62 -7.63 14.12
C LYS A 121 -7.13 -9.04 13.76
N ASP A 122 -5.94 -9.41 14.19
CA ASP A 122 -5.37 -10.77 13.98
C ASP A 122 -6.39 -11.85 14.35
N TYR A 123 -6.56 -12.85 13.49
CA TYR A 123 -7.31 -14.09 13.79
C TYR A 123 -6.36 -15.29 13.86
N ILE A 124 -5.76 -15.70 12.73
CA ILE A 124 -4.86 -16.89 12.71
C ILE A 124 -3.78 -16.64 11.64
N ALA A 125 -2.57 -17.11 11.92
CA ALA A 125 -1.43 -16.93 10.99
C ALA A 125 -0.50 -18.12 11.11
N LEU A 126 0.23 -18.45 10.02
CA LEU A 126 1.34 -19.42 10.10
C LEU A 126 2.49 -18.77 10.89
N LYS A 127 3.21 -19.56 11.67
CA LYS A 127 4.50 -19.12 12.28
C LYS A 127 5.61 -19.11 11.22
N GLU A 128 6.77 -18.58 11.57
CA GLU A 128 7.89 -18.39 10.59
C GLU A 128 8.25 -19.73 9.94
N ASP A 129 8.25 -20.84 10.68
CA ASP A 129 8.67 -22.19 10.18
C ASP A 129 7.61 -22.81 9.24
N LEU A 130 6.42 -22.22 9.08
CA LEU A 130 5.32 -22.69 8.18
C LEU A 130 4.86 -24.09 8.62
N ARG A 131 5.06 -24.48 9.88
CA ARG A 131 4.71 -25.85 10.38
C ARG A 131 3.69 -25.78 11.52
N SER A 132 3.33 -24.59 12.00
CA SER A 132 2.35 -24.44 13.10
C SER A 132 1.68 -23.06 13.05
N TRP A 133 0.71 -22.81 13.94
CA TRP A 133 -0.24 -21.68 13.86
C TRP A 133 -0.16 -20.81 15.11
N THR A 134 -0.36 -19.50 14.92
CA THR A 134 -0.61 -18.49 15.99
C THR A 134 -2.08 -18.11 15.95
N ALA A 135 -2.83 -18.51 17.00
CA ALA A 135 -4.27 -18.22 17.17
C ALA A 135 -4.44 -17.13 18.22
N ALA A 136 -5.13 -16.03 17.92
CA ALA A 136 -5.19 -14.84 18.80
C ALA A 136 -6.17 -15.03 19.98
N ASP A 137 -7.23 -15.83 19.82
CA ASP A 137 -8.32 -15.99 20.80
C ASP A 137 -8.91 -17.40 20.70
N MET A 138 -9.94 -17.71 21.49
CA MET A 138 -10.44 -19.10 21.62
C MET A 138 -11.26 -19.50 20.37
N ALA A 139 -11.82 -18.55 19.60
CA ALA A 139 -12.44 -18.86 18.28
C ALA A 139 -11.33 -19.36 17.33
N ALA A 140 -10.23 -18.61 17.23
CA ALA A 140 -9.13 -19.01 16.33
C ALA A 140 -8.47 -20.29 16.85
N GLN A 141 -8.50 -20.57 18.16
CA GLN A 141 -7.92 -21.82 18.71
C GLN A 141 -8.74 -23.03 18.20
N THR A 142 -10.07 -22.91 18.12
CA THR A 142 -10.90 -24.00 17.52
C THR A 142 -10.51 -24.18 16.04
N THR A 143 -10.33 -23.09 15.29
CA THR A 143 -9.84 -23.18 13.89
C THR A 143 -8.46 -23.87 13.82
N LYS A 144 -7.55 -23.56 14.74
CA LYS A 144 -6.17 -24.16 14.77
C LYS A 144 -6.30 -25.68 14.91
N HIS A 145 -7.14 -26.18 15.83
CA HIS A 145 -7.32 -27.65 16.01
C HIS A 145 -7.88 -28.29 14.71
N LYS A 146 -8.85 -27.66 14.09
CA LYS A 146 -9.44 -28.17 12.81
C LYS A 146 -8.33 -28.26 11.75
N TRP A 147 -7.53 -27.21 11.59
CA TRP A 147 -6.51 -27.15 10.50
C TRP A 147 -5.32 -28.07 10.81
N GLU A 148 -5.04 -28.35 12.10
CA GLU A 148 -4.04 -29.38 12.48
C GLU A 148 -4.52 -30.75 12.01
N ALA A 149 -5.79 -31.10 12.28
CA ALA A 149 -6.35 -32.42 11.91
C ALA A 149 -6.33 -32.59 10.37
N ALA A 150 -6.52 -31.51 9.62
CA ALA A 150 -6.62 -31.54 8.14
C ALA A 150 -5.27 -31.27 7.44
N HIS A 151 -4.20 -31.09 8.19
CA HIS A 151 -2.80 -30.96 7.65
C HIS A 151 -2.71 -29.76 6.70
N VAL A 152 -3.34 -28.66 7.07
CA VAL A 152 -3.42 -27.42 6.24
C VAL A 152 -2.02 -26.78 6.13
N ALA A 153 -1.25 -26.72 7.22
CA ALA A 153 0.08 -26.05 7.19
C ALA A 153 0.96 -26.69 6.12
N GLU A 154 0.97 -28.02 6.01
CA GLU A 154 1.83 -28.77 5.04
C GLU A 154 1.43 -28.41 3.60
N GLN A 155 0.11 -28.24 3.37
CA GLN A 155 -0.44 -27.93 2.03
C GLN A 155 -0.02 -26.51 1.64
N LEU A 156 -0.08 -25.56 2.57
CA LEU A 156 0.34 -24.16 2.29
C LEU A 156 1.87 -24.10 2.10
N ARG A 157 2.61 -24.82 2.94
CA ARG A 157 4.10 -24.79 2.88
C ARG A 157 4.55 -25.26 1.49
N ALA A 158 3.89 -26.28 0.91
CA ALA A 158 4.26 -26.84 -0.41
C ALA A 158 4.22 -25.72 -1.47
N TYR A 159 3.20 -24.86 -1.43
CA TYR A 159 3.06 -23.69 -2.34
C TYR A 159 4.12 -22.64 -1.99
N LEU A 160 4.21 -22.24 -0.73
CA LEU A 160 5.03 -21.07 -0.33
C LEU A 160 6.54 -21.33 -0.58
N GLU A 161 7.02 -22.56 -0.40
CA GLU A 161 8.47 -22.94 -0.53
C GLU A 161 8.78 -23.41 -1.95
N GLY A 162 7.75 -23.69 -2.78
CA GLY A 162 7.87 -24.35 -4.10
C GLY A 162 7.29 -23.50 -5.23
N THR A 163 6.02 -23.68 -5.57
CA THR A 163 5.26 -22.98 -6.64
C THR A 163 5.46 -21.46 -6.58
N CYS A 164 5.30 -20.88 -5.40
CA CYS A 164 5.33 -19.40 -5.18
C CYS A 164 6.68 -18.88 -5.72
N VAL A 165 7.78 -19.54 -5.35
CA VAL A 165 9.16 -19.12 -5.76
C VAL A 165 9.33 -19.30 -7.28
N GLU A 166 8.82 -20.40 -7.86
CA GLU A 166 8.94 -20.67 -9.32
C GLU A 166 8.26 -19.53 -10.09
N TRP A 167 7.08 -19.09 -9.67
CA TRP A 167 6.35 -18.01 -10.38
C TRP A 167 7.07 -16.68 -10.19
N LEU A 168 7.52 -16.37 -8.96
CA LEU A 168 8.25 -15.11 -8.70
C LEU A 168 9.47 -15.01 -9.64
N ARG A 169 10.24 -16.10 -9.79
CA ARG A 169 11.45 -16.11 -10.65
C ARG A 169 11.03 -15.89 -12.13
N ARG A 170 9.92 -16.49 -12.57
CA ARG A 170 9.42 -16.33 -13.96
C ARG A 170 9.11 -14.85 -14.19
N TYR A 171 8.39 -14.22 -13.26
CA TYR A 171 7.98 -12.80 -13.40
C TYR A 171 9.24 -11.89 -13.41
N LEU A 172 10.22 -12.15 -12.52
CA LEU A 172 11.43 -11.28 -12.44
C LEU A 172 12.15 -11.28 -13.80
N GLU A 173 12.25 -12.46 -14.44
CA GLU A 173 12.92 -12.60 -15.77
C GLU A 173 12.06 -11.90 -16.83
N ASN A 174 10.76 -12.21 -16.90
CA ASN A 174 9.87 -11.65 -17.97
C ASN A 174 9.78 -10.12 -17.85
N GLY A 175 9.72 -9.59 -16.62
CA GLY A 175 9.58 -8.15 -16.35
C GLY A 175 10.91 -7.45 -16.08
N LYS A 176 12.03 -8.04 -16.50
CA LYS A 176 13.39 -7.53 -16.17
C LYS A 176 13.52 -6.01 -16.38
N GLU A 177 13.04 -5.48 -17.51
CA GLU A 177 13.23 -4.05 -17.92
C GLU A 177 12.85 -3.10 -16.76
N THR A 178 11.81 -3.44 -15.99
CA THR A 178 11.35 -2.60 -14.85
C THR A 178 11.63 -3.27 -13.50
N LEU A 179 11.28 -4.56 -13.32
CA LEU A 179 11.40 -5.22 -11.99
C LEU A 179 12.87 -5.30 -11.51
N GLN A 180 13.85 -5.35 -12.42
CA GLN A 180 15.28 -5.45 -12.03
C GLN A 180 15.97 -4.09 -12.17
N ARG A 181 15.22 -3.01 -12.43
CA ARG A 181 15.76 -1.61 -12.54
C ARG A 181 15.55 -0.93 -11.19
N THR A 182 16.58 -0.31 -10.60
CA THR A 182 16.44 0.59 -9.43
C THR A 182 16.43 2.03 -9.91
N ASP A 183 15.49 2.83 -9.41
CA ASP A 183 15.35 4.27 -9.72
C ASP A 183 15.80 5.04 -8.47
N ALA A 184 17.03 5.55 -8.43
CA ALA A 184 17.53 6.33 -7.29
C ALA A 184 16.70 7.60 -7.13
N PRO A 185 16.54 8.12 -5.89
CA PRO A 185 15.81 9.38 -5.69
C PRO A 185 16.45 10.58 -6.40
N LYS A 186 15.61 11.42 -7.01
CA LYS A 186 15.97 12.77 -7.52
C LYS A 186 15.80 13.73 -6.35
N THR A 187 16.89 14.29 -5.83
CA THR A 187 16.91 15.05 -4.55
C THR A 187 17.16 16.53 -4.80
N HIS A 188 16.54 17.39 -3.98
CA HIS A 188 16.81 18.85 -3.92
C HIS A 188 16.39 19.40 -2.54
N MET A 189 16.81 20.61 -2.21
CA MET A 189 16.42 21.29 -0.95
C MET A 189 15.70 22.59 -1.30
N THR A 190 14.63 22.92 -0.55
CA THR A 190 13.93 24.23 -0.58
C THR A 190 14.07 24.95 0.78
N HIS A 191 13.86 26.26 0.75
CA HIS A 191 14.00 27.18 1.92
C HIS A 191 12.76 28.07 2.00
N HIS A 192 12.20 28.21 3.21
CA HIS A 192 10.99 29.01 3.51
CA HIS A 192 11.01 29.06 3.49
C HIS A 192 11.20 29.81 4.80
N ALA A 193 11.28 31.15 4.70
CA ALA A 193 11.38 32.08 5.85
C ALA A 193 10.02 32.18 6.56
N VAL A 194 9.95 31.72 7.81
CA VAL A 194 8.81 31.83 8.74
C VAL A 194 8.72 33.28 9.28
N SER A 195 9.84 33.77 9.77
CA SER A 195 10.03 35.11 10.36
C SER A 195 11.36 35.66 9.87
N ASP A 196 11.73 36.84 10.34
CA ASP A 196 13.07 37.41 10.06
C ASP A 196 14.17 36.57 10.73
N HIS A 197 13.84 35.68 11.67
CA HIS A 197 14.83 35.00 12.55
C HIS A 197 14.81 33.48 12.44
N GLU A 198 13.76 32.83 11.89
CA GLU A 198 13.76 31.34 11.75
C GLU A 198 13.28 30.94 10.36
N ALA A 199 13.85 29.86 9.85
CA ALA A 199 13.61 29.34 8.47
C ALA A 199 13.38 27.84 8.52
N THR A 200 12.61 27.33 7.56
CA THR A 200 12.43 25.87 7.33
C THR A 200 13.28 25.44 6.11
N LEU A 201 14.08 24.39 6.29
CA LEU A 201 14.74 23.67 5.17
C LEU A 201 13.97 22.38 4.91
N ARG A 202 13.60 22.11 3.65
CA ARG A 202 12.86 20.87 3.28
C ARG A 202 13.71 20.09 2.26
N CYS A 203 14.06 18.86 2.62
CA CYS A 203 14.84 17.88 1.82
C CYS A 203 13.86 16.97 1.06
N TRP A 204 13.88 16.99 -0.26
CA TRP A 204 12.93 16.23 -1.13
C TRP A 204 13.62 15.00 -1.74
N ALA A 205 12.91 13.88 -1.80
CA ALA A 205 13.29 12.69 -2.58
C ALA A 205 12.14 12.36 -3.53
N LEU A 206 12.34 12.38 -4.83
CA LEU A 206 11.27 12.20 -5.84
C LEU A 206 11.59 11.08 -6.82
N SER A 207 10.55 10.46 -7.38
CA SER A 207 10.58 9.54 -8.55
CA SER A 207 10.64 9.57 -8.57
C SER A 207 11.50 8.33 -8.27
N PHE A 208 11.41 7.74 -7.06
CA PHE A 208 12.29 6.60 -6.67
C PHE A 208 11.53 5.26 -6.64
N TYR A 209 12.28 4.18 -6.82
CA TYR A 209 11.74 2.79 -6.78
C TYR A 209 12.89 1.86 -6.40
N PRO A 210 12.74 0.93 -5.42
CA PRO A 210 11.52 0.70 -4.65
C PRO A 210 11.22 1.75 -3.58
N ALA A 211 10.14 1.55 -2.82
CA ALA A 211 9.56 2.54 -1.87
C ALA A 211 10.47 2.74 -0.65
N GLU A 212 11.20 1.71 -0.22
CA GLU A 212 12.06 1.78 1.01
CA GLU A 212 12.07 1.77 1.00
C GLU A 212 13.11 2.89 0.85
N ILE A 213 13.14 3.84 1.79
CA ILE A 213 14.11 4.97 1.81
C ILE A 213 14.30 5.45 3.25
N THR A 214 15.45 6.07 3.56
CA THR A 214 15.71 6.75 4.86
C THR A 214 16.20 8.18 4.60
N LEU A 215 15.53 9.18 5.17
CA LEU A 215 15.96 10.60 5.22
C LEU A 215 16.28 10.99 6.66
N THR A 216 17.45 11.56 6.92
CA THR A 216 17.94 11.95 8.27
CA THR A 216 17.85 12.00 8.28
C THR A 216 18.54 13.36 8.21
N TRP A 217 18.28 14.19 9.21
CA TRP A 217 18.92 15.53 9.39
C TRP A 217 20.07 15.41 10.40
N GLN A 218 21.18 16.11 10.12
CA GLN A 218 22.31 16.27 11.08
C GLN A 218 22.58 17.78 11.28
N ARG A 219 23.00 18.15 12.48
CA ARG A 219 23.54 19.50 12.80
C ARG A 219 24.98 19.34 13.26
N ASP A 220 25.93 19.97 12.55
CA ASP A 220 27.37 19.86 12.87
C ASP A 220 27.74 18.35 12.96
N GLY A 221 27.19 17.53 12.07
CA GLY A 221 27.51 16.09 11.94
C GLY A 221 26.90 15.21 13.02
N GLU A 222 25.91 15.69 13.78
CA GLU A 222 25.18 14.90 14.79
C GLU A 222 23.69 14.81 14.41
N ASP A 223 23.10 13.61 14.47
CA ASP A 223 21.65 13.39 14.16
C ASP A 223 20.81 14.36 14.99
N GLN A 224 19.83 15.00 14.35
CA GLN A 224 18.82 15.88 15.00
C GLN A 224 17.42 15.41 14.63
N THR A 225 16.56 15.23 15.64
CA THR A 225 15.13 14.89 15.47
C THR A 225 14.25 16.02 16.02
N GLN A 226 14.69 16.77 17.03
CA GLN A 226 13.90 17.94 17.52
C GLN A 226 13.78 18.99 16.42
N ASP A 227 12.64 19.69 16.37
CA ASP A 227 12.36 20.73 15.35
C ASP A 227 12.39 20.14 13.94
N THR A 228 12.06 18.85 13.77
CA THR A 228 11.96 18.19 12.44
C THR A 228 10.54 17.65 12.18
N GLU A 229 10.22 17.45 10.89
CA GLU A 229 8.95 16.83 10.43
CA GLU A 229 8.97 16.79 10.46
C GLU A 229 9.28 15.88 9.27
N LEU A 230 8.61 14.74 9.15
CA LEU A 230 8.81 13.82 7.99
C LEU A 230 7.49 13.20 7.59
N VAL A 231 7.10 13.36 6.31
CA VAL A 231 5.82 12.77 5.79
C VAL A 231 6.02 11.29 5.48
N GLU A 232 4.91 10.55 5.52
CA GLU A 232 4.93 9.13 5.11
C GLU A 232 5.22 9.05 3.61
N THR A 233 5.94 8.01 3.22
CA THR A 233 6.24 7.72 1.80
C THR A 233 4.93 7.59 1.01
N ARG A 234 4.79 8.22 -0.14
CA ARG A 234 3.52 8.35 -0.89
C ARG A 234 3.74 7.99 -2.36
N PRO A 235 2.74 7.43 -3.07
CA PRO A 235 2.89 7.11 -4.49
C PRO A 235 2.75 8.33 -5.41
N ALA A 236 3.63 8.42 -6.41
CA ALA A 236 3.59 9.50 -7.44
C ALA A 236 2.40 9.28 -8.39
N GLY A 237 2.02 8.02 -8.61
CA GLY A 237 0.96 7.62 -9.55
C GLY A 237 1.45 6.99 -10.83
N ASP A 238 2.76 7.09 -11.10
CA ASP A 238 3.45 6.53 -12.30
C ASP A 238 4.29 5.29 -11.92
N GLY A 239 4.11 4.76 -10.70
CA GLY A 239 4.82 3.57 -10.21
C GLY A 239 5.99 3.92 -9.31
N THR A 240 6.38 5.20 -9.23
CA THR A 240 7.49 5.65 -8.35
C THR A 240 6.92 6.29 -7.09
N PHE A 241 7.80 6.66 -6.17
CA PHE A 241 7.43 7.13 -4.80
C PHE A 241 8.04 8.49 -4.49
N GLN A 242 7.55 9.17 -3.44
CA GLN A 242 7.99 10.52 -3.00
C GLN A 242 8.13 10.53 -1.48
N LYS A 243 9.02 11.35 -0.91
CA LYS A 243 9.08 11.62 0.54
C LYS A 243 9.79 12.95 0.75
N TRP A 244 9.55 13.61 1.88
CA TRP A 244 10.34 14.79 2.31
C TRP A 244 10.53 14.77 3.84
N ALA A 245 11.60 15.43 4.29
CA ALA A 245 11.94 15.69 5.71
C ALA A 245 12.28 17.16 5.84
N ALA A 246 11.90 17.83 6.93
CA ALA A 246 12.10 19.27 7.12
C ALA A 246 12.66 19.55 8.51
N VAL A 247 13.43 20.65 8.64
CA VAL A 247 14.01 21.11 9.92
C VAL A 247 13.85 22.63 10.01
N VAL A 248 13.57 23.14 11.23
CA VAL A 248 13.50 24.60 11.51
C VAL A 248 14.84 25.00 12.12
N VAL A 249 15.43 26.09 11.61
CA VAL A 249 16.81 26.54 11.98
C VAL A 249 16.81 28.04 12.22
N PRO A 250 17.79 28.57 13.00
CA PRO A 250 18.01 30.01 13.04
C PRO A 250 18.43 30.52 11.65
N SER A 251 17.76 31.56 11.17
CA SER A 251 18.14 32.25 9.91
CA SER A 251 18.13 32.29 9.92
C SER A 251 19.62 32.67 10.00
N GLY A 252 20.39 32.31 8.97
CA GLY A 252 21.84 32.56 8.90
C GLY A 252 22.70 31.35 9.26
N GLN A 253 22.12 30.31 9.87
CA GLN A 253 22.85 29.10 10.31
C GLN A 253 22.54 27.88 9.43
N GLU A 254 21.94 28.08 8.25
CA GLU A 254 21.53 26.98 7.32
C GLU A 254 22.69 26.02 7.01
N GLN A 255 23.92 26.56 6.86
CA GLN A 255 25.12 25.77 6.47
C GLN A 255 25.51 24.67 7.48
N ARG A 256 25.09 24.75 8.76
CA ARG A 256 25.39 23.71 9.79
C ARG A 256 24.62 22.41 9.51
N TYR A 257 23.55 22.47 8.73
CA TYR A 257 22.57 21.34 8.65
C TYR A 257 22.80 20.55 7.36
N THR A 258 22.75 19.22 7.44
CA THR A 258 22.88 18.31 6.29
C THR A 258 21.74 17.29 6.28
N CYS A 259 21.23 16.99 5.09
CA CYS A 259 20.19 15.94 4.86
C CYS A 259 20.89 14.73 4.24
N HIS A 260 20.69 13.55 4.80
CA HIS A 260 21.33 12.26 4.43
C HIS A 260 20.30 11.32 3.84
N VAL A 261 20.53 10.82 2.62
CA VAL A 261 19.53 10.02 1.84
C VAL A 261 20.11 8.63 1.60
N GLN A 262 19.46 7.58 2.09
CA GLN A 262 19.84 6.15 1.88
C GLN A 262 18.75 5.46 1.03
N HIS A 263 19.16 4.76 -0.01
CA HIS A 263 18.29 4.06 -0.99
C HIS A 263 19.09 3.00 -1.75
N GLU A 264 18.45 1.88 -2.10
CA GLU A 264 19.02 0.72 -2.86
C GLU A 264 19.69 1.19 -4.16
N GLY A 265 19.16 2.25 -4.79
CA GLY A 265 19.62 2.76 -6.09
C GLY A 265 20.85 3.67 -6.00
N LEU A 266 21.32 3.99 -4.79
CA LEU A 266 22.51 4.87 -4.56
C LEU A 266 23.71 4.02 -4.13
N PRO A 267 24.84 4.01 -4.88
CA PRO A 267 26.00 3.22 -4.49
C PRO A 267 26.55 3.63 -3.11
N LYS A 268 26.49 4.93 -2.80
CA LYS A 268 26.81 5.50 -1.47
C LYS A 268 25.68 6.45 -1.08
N PRO A 269 25.38 6.67 0.22
CA PRO A 269 24.38 7.65 0.61
C PRO A 269 24.72 9.08 0.11
N LEU A 270 23.68 9.87 -0.19
CA LEU A 270 23.82 11.29 -0.62
C LEU A 270 23.78 12.22 0.60
N THR A 271 24.55 13.31 0.58
CA THR A 271 24.52 14.42 1.55
C THR A 271 24.13 15.71 0.81
N LEU A 272 23.05 16.37 1.24
CA LEU A 272 22.63 17.71 0.71
C LEU A 272 22.87 18.79 1.78
N ARG A 273 23.20 20.00 1.36
CA ARG A 273 23.50 21.17 2.23
C ARG A 273 23.00 22.44 1.53
N TRP A 274 22.34 23.36 2.24
CA TRP A 274 21.96 24.69 1.71
C TRP A 274 23.22 25.56 1.57
N GLN B 3 -12.31 1.26 15.08
CA GLN B 3 -12.42 2.17 13.88
C GLN B 3 -11.19 3.09 13.82
N ARG B 4 -10.60 3.23 12.64
CA ARG B 4 -9.38 4.06 12.42
C ARG B 4 -9.68 5.13 11.37
N THR B 5 -9.35 6.39 11.68
CA THR B 5 -9.67 7.56 10.83
C THR B 5 -8.60 7.68 9.75
N PRO B 6 -8.96 8.07 8.50
CA PRO B 6 -7.97 8.23 7.45
C PRO B 6 -6.94 9.36 7.69
N LYS B 7 -5.69 9.07 7.36
CA LYS B 7 -4.61 10.08 7.10
C LYS B 7 -4.76 10.54 5.65
N ILE B 8 -4.47 11.82 5.37
CA ILE B 8 -4.72 12.45 4.04
C ILE B 8 -3.48 13.26 3.64
N GLN B 9 -2.93 12.99 2.45
CA GLN B 9 -1.97 13.91 1.78
C GLN B 9 -2.53 14.33 0.41
N VAL B 10 -2.38 15.62 0.09
CA VAL B 10 -2.81 16.21 -1.23
CA VAL B 10 -2.80 16.19 -1.23
C VAL B 10 -1.57 16.82 -1.88
N TYR B 11 -1.25 16.40 -3.11
CA TYR B 11 0.04 16.74 -3.74
C TYR B 11 0.00 16.50 -5.25
N SER B 12 0.90 17.17 -5.98
CA SER B 12 1.06 16.98 -7.44
C SER B 12 2.07 15.85 -7.72
N ARG B 13 1.93 15.17 -8.86
CA ARG B 13 2.95 14.18 -9.32
C ARG B 13 4.30 14.88 -9.57
N HIS B 14 4.30 16.03 -10.27
CA HIS B 14 5.50 16.81 -10.66
C HIS B 14 5.51 18.14 -9.93
N PRO B 15 6.69 18.80 -9.71
CA PRO B 15 6.69 20.09 -9.02
C PRO B 15 5.79 21.08 -9.79
N ALA B 16 4.98 21.86 -9.07
CA ALA B 16 3.90 22.70 -9.64
C ALA B 16 4.50 23.95 -10.29
N GLU B 17 4.19 24.17 -11.58
CA GLU B 17 4.47 25.43 -12.31
C GLU B 17 3.19 25.88 -13.02
N ASN B 18 2.81 27.15 -12.80
CA ASN B 18 1.55 27.76 -13.31
C ASN B 18 1.49 27.60 -14.84
N GLY B 19 0.41 26.99 -15.34
CA GLY B 19 0.10 26.85 -16.78
C GLY B 19 0.63 25.57 -17.41
N LYS B 20 1.37 24.74 -16.66
CA LYS B 20 1.98 23.47 -17.16
C LYS B 20 1.18 22.27 -16.64
N SER B 21 0.78 21.37 -17.55
CA SER B 21 -0.07 20.16 -17.32
C SER B 21 0.58 19.23 -16.29
N ASN B 22 -0.21 18.55 -15.45
CA ASN B 22 0.28 17.81 -14.26
C ASN B 22 -0.78 16.79 -13.83
N PHE B 23 -0.60 16.18 -12.64
CA PHE B 23 -1.56 15.24 -12.03
C PHE B 23 -1.74 15.63 -10.56
N LEU B 24 -3.00 15.74 -10.11
CA LEU B 24 -3.36 16.03 -8.69
C LEU B 24 -3.71 14.72 -7.99
N ASN B 25 -3.09 14.48 -6.84
CA ASN B 25 -3.17 13.24 -6.04
C ASN B 25 -3.81 13.51 -4.68
N CYS B 26 -4.68 12.62 -4.23
CA CYS B 26 -5.14 12.53 -2.82
C CYS B 26 -4.90 11.09 -2.34
N TYR B 27 -3.94 10.94 -1.43
CA TYR B 27 -3.52 9.64 -0.87
C TYR B 27 -4.18 9.50 0.50
N VAL B 28 -5.06 8.51 0.66
CA VAL B 28 -5.76 8.22 1.95
CA VAL B 28 -5.79 8.20 1.93
C VAL B 28 -5.27 6.87 2.48
N SER B 29 -4.88 6.83 3.76
CA SER B 29 -4.25 5.62 4.34
C SER B 29 -4.56 5.48 5.83
N GLY B 30 -4.29 4.30 6.38
CA GLY B 30 -4.41 4.05 7.83
C GLY B 30 -5.86 3.97 8.33
N PHE B 31 -6.83 3.69 7.46
CA PHE B 31 -8.27 3.67 7.84
C PHE B 31 -8.84 2.23 7.90
N HIS B 32 -9.91 2.09 8.70
CA HIS B 32 -10.71 0.83 8.86
C HIS B 32 -12.05 1.26 9.43
N PRO B 33 -13.21 0.79 8.89
CA PRO B 33 -13.31 -0.13 7.75
C PRO B 33 -13.04 0.52 6.38
N SER B 34 -13.18 -0.25 5.30
CA SER B 34 -12.69 0.15 3.95
C SER B 34 -13.65 1.10 3.24
N ASP B 35 -14.94 1.13 3.58
CA ASP B 35 -15.90 2.05 2.90
C ASP B 35 -15.43 3.50 3.13
N ILE B 36 -15.27 4.28 2.06
CA ILE B 36 -14.78 5.68 2.15
C ILE B 36 -15.30 6.46 0.94
N GLU B 37 -15.51 7.77 1.10
CA GLU B 37 -15.89 8.73 0.01
C GLU B 37 -14.76 9.75 -0.14
N VAL B 38 -14.20 9.90 -1.34
CA VAL B 38 -13.11 10.86 -1.63
C VAL B 38 -13.46 11.65 -2.89
N ASP B 39 -13.39 12.98 -2.81
CA ASP B 39 -13.62 13.92 -3.93
C ASP B 39 -12.41 14.87 -4.06
N LEU B 40 -12.00 15.19 -5.29
CA LEU B 40 -11.02 16.27 -5.59
C LEU B 40 -11.82 17.52 -5.99
N LEU B 41 -11.47 18.68 -5.41
CA LEU B 41 -12.24 19.96 -5.57
C LEU B 41 -11.37 20.99 -6.29
N LYS B 42 -11.97 21.72 -7.24
CA LYS B 42 -11.39 22.93 -7.89
C LYS B 42 -12.25 24.14 -7.51
N ASN B 43 -11.72 25.05 -6.69
CA ASN B 43 -12.43 26.27 -6.21
C ASN B 43 -13.77 25.86 -5.55
N GLY B 44 -13.77 24.76 -4.78
CA GLY B 44 -14.92 24.30 -3.98
C GLY B 44 -15.87 23.37 -4.72
N GLU B 45 -15.67 23.16 -6.03
CA GLU B 45 -16.58 22.36 -6.90
C GLU B 45 -15.94 20.99 -7.19
N ARG B 46 -16.73 19.92 -7.15
CA ARG B 46 -16.23 18.53 -7.34
C ARG B 46 -15.73 18.36 -8.79
N ILE B 47 -14.52 17.80 -8.95
CA ILE B 47 -13.95 17.41 -10.27
C ILE B 47 -14.54 16.06 -10.69
N GLU B 48 -14.95 15.93 -11.95
CA GLU B 48 -15.82 14.81 -12.44
C GLU B 48 -14.98 13.59 -12.83
N LYS B 49 -13.89 13.78 -13.59
CA LYS B 49 -13.06 12.68 -14.14
C LYS B 49 -11.93 12.32 -13.16
N VAL B 50 -12.27 11.64 -12.06
CA VAL B 50 -11.29 11.22 -11.00
C VAL B 50 -11.27 9.69 -10.95
N GLU B 51 -10.07 9.10 -10.99
CA GLU B 51 -9.85 7.62 -10.92
C GLU B 51 -9.24 7.27 -9.56
N HIS B 52 -9.24 5.99 -9.23
CA HIS B 52 -8.56 5.50 -8.01
C HIS B 52 -7.85 4.15 -8.21
N SER B 53 -6.89 3.85 -7.34
CA SER B 53 -6.18 2.55 -7.28
C SER B 53 -7.08 1.44 -6.74
N ASP B 54 -6.61 0.19 -6.90
CA ASP B 54 -7.31 -1.01 -6.39
C ASP B 54 -7.07 -1.10 -4.87
N LEU B 55 -8.09 -1.40 -4.07
CA LEU B 55 -7.99 -1.44 -2.59
C LEU B 55 -6.92 -2.44 -2.12
N SER B 56 -6.02 -2.00 -1.24
CA SER B 56 -5.02 -2.87 -0.60
C SER B 56 -4.86 -2.45 0.86
N PHE B 57 -3.96 -3.11 1.60
CA PHE B 57 -3.81 -2.86 3.06
C PHE B 57 -2.35 -3.08 3.47
N SER B 58 -2.05 -2.51 4.62
CA SER B 58 -0.71 -2.43 5.25
C SER B 58 -0.55 -3.57 6.27
N LYS B 59 0.66 -3.68 6.85
CA LYS B 59 1.00 -4.73 7.86
C LYS B 59 0.00 -4.72 9.04
N ASP B 60 -0.49 -3.55 9.44
CA ASP B 60 -1.42 -3.41 10.60
C ASP B 60 -2.89 -3.61 10.20
N TRP B 61 -3.16 -4.06 8.97
CA TRP B 61 -4.49 -4.36 8.38
C TRP B 61 -5.23 -3.07 7.94
N SER B 62 -4.65 -1.89 8.12
CA SER B 62 -5.32 -0.63 7.71
C SER B 62 -5.25 -0.48 6.19
N PHE B 63 -6.28 0.14 5.60
CA PHE B 63 -6.41 0.25 4.13
C PHE B 63 -5.74 1.52 3.58
N TYR B 64 -5.43 1.50 2.30
CA TYR B 64 -4.96 2.71 1.57
C TYR B 64 -5.45 2.72 0.12
N LEU B 65 -5.63 3.93 -0.42
CA LEU B 65 -6.10 4.20 -1.79
C LEU B 65 -5.44 5.49 -2.29
N LEU B 66 -5.14 5.56 -3.60
CA LEU B 66 -4.77 6.82 -4.29
C LEU B 66 -5.90 7.25 -5.24
N TYR B 67 -6.38 8.49 -5.10
CA TYR B 67 -7.34 9.15 -6.02
C TYR B 67 -6.57 10.19 -6.84
N TYR B 68 -6.83 10.28 -8.15
CA TYR B 68 -5.97 11.11 -9.04
C TYR B 68 -6.73 11.63 -10.27
N THR B 69 -6.30 12.79 -10.78
CA THR B 69 -6.83 13.38 -12.03
C THR B 69 -5.76 14.25 -12.69
N GLU B 70 -5.85 14.41 -14.01
CA GLU B 70 -5.06 15.41 -14.77
C GLU B 70 -5.52 16.80 -14.34
N PHE B 71 -4.61 17.78 -14.23
CA PHE B 71 -4.96 19.20 -13.94
C PHE B 71 -3.83 20.12 -14.43
N THR B 72 -4.15 21.40 -14.61
CA THR B 72 -3.18 22.46 -14.96
C THR B 72 -3.24 23.55 -13.87
N PRO B 73 -2.27 23.58 -12.92
CA PRO B 73 -2.29 24.59 -11.88
C PRO B 73 -2.09 26.01 -12.44
N THR B 74 -2.65 27.00 -11.74
CA THR B 74 -2.50 28.46 -12.04
C THR B 74 -2.18 29.21 -10.74
N GLU B 75 -1.99 30.54 -10.81
CA GLU B 75 -1.70 31.37 -9.61
C GLU B 75 -2.92 31.42 -8.67
N LYS B 76 -4.13 31.55 -9.22
CA LYS B 76 -5.36 31.93 -8.46
C LYS B 76 -6.21 30.70 -8.08
N ASP B 77 -6.23 29.65 -8.90
CA ASP B 77 -7.11 28.46 -8.71
C ASP B 77 -6.70 27.69 -7.45
N GLU B 78 -7.67 27.32 -6.61
CA GLU B 78 -7.46 26.58 -5.34
C GLU B 78 -7.93 25.14 -5.52
N TYR B 79 -7.15 24.17 -5.03
CA TYR B 79 -7.44 22.72 -5.12
C TYR B 79 -7.43 22.11 -3.72
N ALA B 80 -8.26 21.09 -3.50
CA ALA B 80 -8.44 20.43 -2.19
C ALA B 80 -8.93 18.99 -2.39
N CYS B 81 -8.81 18.19 -1.33
CA CYS B 81 -9.36 16.81 -1.24
C CYS B 81 -10.41 16.77 -0.13
N ARG B 82 -11.60 16.23 -0.42
CA ARG B 82 -12.73 16.10 0.55
C ARG B 82 -12.98 14.62 0.85
N VAL B 83 -12.90 14.24 2.13
CA VAL B 83 -13.00 12.83 2.59
C VAL B 83 -14.15 12.66 3.60
N ASN B 84 -15.00 11.65 3.40
CA ASN B 84 -15.99 11.19 4.41
C ASN B 84 -15.72 9.72 4.73
N HIS B 85 -15.91 9.37 6.01
CA HIS B 85 -15.65 8.03 6.59
C HIS B 85 -16.55 7.91 7.83
N VAL B 86 -16.84 6.70 8.27
CA VAL B 86 -17.72 6.47 9.46
C VAL B 86 -17.12 7.17 10.69
N THR B 87 -15.80 7.39 10.72
CA THR B 87 -15.09 8.03 11.87
C THR B 87 -15.25 9.57 11.87
N LEU B 88 -15.77 10.17 10.81
CA LEU B 88 -15.84 11.66 10.66
C LEU B 88 -17.29 12.13 10.80
N SER B 89 -17.54 13.12 11.66
CA SER B 89 -18.90 13.66 11.93
C SER B 89 -19.34 14.54 10.76
N GLN B 90 -18.40 15.08 9.99
CA GLN B 90 -18.66 15.78 8.70
C GLN B 90 -17.46 15.58 7.77
N PRO B 91 -17.61 15.80 6.44
CA PRO B 91 -16.47 15.65 5.53
C PRO B 91 -15.26 16.50 5.96
N LYS B 92 -14.05 15.96 5.78
CA LYS B 92 -12.76 16.66 6.04
C LYS B 92 -12.20 17.17 4.72
N ILE B 93 -11.90 18.47 4.64
CA ILE B 93 -11.33 19.15 3.44
C ILE B 93 -9.87 19.52 3.74
N VAL B 94 -8.92 18.94 2.99
CA VAL B 94 -7.47 19.29 3.05
C VAL B 94 -7.11 20.09 1.78
N LYS B 95 -6.61 21.32 1.96
CA LYS B 95 -6.19 22.21 0.85
C LYS B 95 -4.85 21.73 0.27
N TRP B 96 -4.67 21.81 -1.05
CA TRP B 96 -3.39 21.56 -1.76
C TRP B 96 -2.40 22.69 -1.46
N ASP B 97 -1.28 22.37 -0.81
CA ASP B 97 -0.12 23.28 -0.63
C ASP B 97 0.99 22.80 -1.57
N ARG B 98 1.34 23.60 -2.59
CA ARG B 98 2.29 23.21 -3.67
C ARG B 98 3.70 22.95 -3.12
N ASP B 99 4.02 23.38 -1.89
CA ASP B 99 5.35 23.20 -1.26
C ASP B 99 5.33 22.04 -0.26
N MET B 100 4.37 21.12 -0.31
CA MET B 100 4.26 20.03 0.70
C MET B 100 3.89 18.71 0.02
N ALA C 1 1.53 -16.37 -9.52
CA ALA C 1 0.22 -17.12 -9.51
C ALA C 1 -0.23 -17.44 -8.07
N VAL C 2 -1.55 -17.45 -7.86
CA VAL C 2 -2.16 -17.62 -6.52
C VAL C 2 -1.98 -19.06 -5.99
N TYR C 3 -2.28 -19.25 -4.70
CA TYR C 3 -2.26 -20.60 -4.07
C TYR C 3 -3.07 -21.59 -4.94
N ASP C 4 -2.43 -22.73 -5.27
CA ASP C 4 -2.89 -23.75 -6.24
C ASP C 4 -3.30 -25.05 -5.53
N GLY C 5 -3.41 -25.04 -4.20
CA GLY C 5 -3.85 -26.24 -3.43
C GLY C 5 -5.32 -26.24 -3.03
N ARG C 6 -5.67 -27.14 -2.09
CA ARG C 6 -7.04 -27.26 -1.54
C ARG C 6 -7.29 -26.14 -0.52
N GLU C 7 -8.48 -25.55 -0.55
CA GLU C 7 -8.87 -24.46 0.38
C GLU C 7 -9.61 -25.03 1.61
N HIS C 8 -9.49 -24.31 2.72
CA HIS C 8 -10.08 -24.71 4.02
C HIS C 8 -10.74 -23.52 4.69
N THR C 9 -11.93 -23.73 5.27
CA THR C 9 -12.73 -22.69 5.95
C THR C 9 -12.42 -22.72 7.46
N VAL C 10 -12.61 -21.59 8.14
CA VAL C 10 -12.31 -21.44 9.59
C VAL C 10 -13.30 -22.27 10.41
C1 EDO D . -1.52 -20.91 -13.64
O1 EDO D . -1.25 -22.26 -13.31
C2 EDO D . -2.97 -20.65 -13.80
O2 EDO D . -3.67 -20.80 -12.59
C1 EDO E . -6.37 -22.05 3.47
O1 EDO E . -7.50 -22.08 2.59
C2 EDO E . -6.71 -21.85 4.90
O2 EDO E . -7.35 -20.59 5.16
C1 EDO F . 19.88 -15.04 -9.71
O1 EDO F . 20.85 -15.61 -10.56
C2 EDO F . 20.03 -13.57 -9.60
O2 EDO F . 21.15 -13.18 -8.83
#